data_1BGV
#
_entry.id   1BGV
#
_cell.length_a   162.800
_cell.length_b   162.800
_cell.length_c   102.800
_cell.angle_alpha   90.00
_cell.angle_beta   90.00
_cell.angle_gamma   120.00
#
_symmetry.space_group_name_H-M   'H 3 2'
#
loop_
_entity.id
_entity.type
_entity.pdbx_description
1 polymer 'GLUTAMATE DEHYDROGENASE'
2 non-polymer 'GLUTAMIC ACID'
3 water water
#
_entity_poly.entity_id   1
_entity_poly.type   'polypeptide(L)'
_entity_poly.pdbx_seq_one_letter_code
;SKYVDRVIAEVEKKYADEPEFVQTVEEVLSSLGPVVDAHPEYEEVALLERMVIPERVIEFRVPWEDDNGKVHVNTGYRVQ
FNGAIGPYKGGLRFAPSVNLSIMKFLGFEQAFKDSLTTLPMGGAKGGSDFDPNGKSDREVMRFCQAFMTELYRHIGPDID
VPAGDLGVGAREIGYMYGQYRKIVGGFYNGVLTGKARSFGGSLVRPEATGYGSVYYVEAVMKHENDTLVGKTVALAGFGN
VAWGAAKKLAELGAKAVTLSGPDGYIYDPEGITTEEKINYMLEMRASGRNKVQDYADKFGVQFFPGEKPWGQKVDIIMPC
ATQNDVDLEQAKKIVANNVKYYIEVANMPTTNEALRFLMQQPNMVVAPSKAVNAGGVLVSGFEMSQNSERLSWTAEEVDS
KLHQVMTDIHDGSAAAAERYGLGYNLVAGANIVGFQKIADAMMAQGIAW
;
_entity_poly.pdbx_strand_id   A
#
# COMPACT_ATOMS: atom_id res chain seq x y z
N SER A 1 -10.57 23.74 -11.09
CA SER A 1 -9.47 24.68 -11.18
C SER A 1 -8.91 24.54 -12.57
N LYS A 2 -8.80 25.67 -13.25
CA LYS A 2 -8.27 25.74 -14.59
C LYS A 2 -6.80 25.26 -14.55
N TYR A 3 -6.08 25.62 -13.48
CA TYR A 3 -4.64 25.27 -13.38
C TYR A 3 -4.53 23.73 -13.30
N VAL A 4 -5.32 23.18 -12.41
CA VAL A 4 -5.32 21.75 -12.34
C VAL A 4 -5.65 21.14 -13.66
N ASP A 5 -6.68 21.66 -14.33
CA ASP A 5 -7.09 20.97 -15.56
C ASP A 5 -5.98 21.05 -16.56
N ARG A 6 -5.33 22.17 -16.56
CA ARG A 6 -4.27 22.33 -17.54
C ARG A 6 -3.12 21.31 -17.34
N VAL A 7 -2.73 21.08 -16.09
CA VAL A 7 -1.62 20.16 -15.82
C VAL A 7 -2.00 18.74 -16.21
N ILE A 8 -3.26 18.37 -15.92
CA ILE A 8 -3.73 17.03 -16.30
C ILE A 8 -3.70 16.86 -17.81
N ALA A 9 -4.15 17.87 -18.55
CA ALA A 9 -4.13 17.77 -19.98
C ALA A 9 -2.68 17.60 -20.50
N GLU A 10 -1.72 18.32 -19.92
CA GLU A 10 -0.33 18.26 -20.41
C GLU A 10 0.27 16.89 -20.09
N VAL A 11 -0.08 16.40 -18.90
CA VAL A 11 0.33 15.06 -18.53
C VAL A 11 -0.20 13.99 -19.47
N GLU A 12 -1.49 14.07 -19.74
CA GLU A 12 -2.14 13.11 -20.62
C GLU A 12 -1.46 13.10 -21.97
N LYS A 13 -1.04 14.27 -22.44
CA LYS A 13 -0.46 14.27 -23.76
C LYS A 13 0.98 13.77 -23.71
N LYS A 14 1.75 14.24 -22.75
CA LYS A 14 3.18 13.93 -22.72
C LYS A 14 3.43 12.47 -22.30
N TYR A 15 2.62 11.94 -21.43
CA TYR A 15 2.94 10.58 -21.00
C TYR A 15 1.89 9.57 -21.49
N ALA A 16 1.39 9.80 -22.70
CA ALA A 16 0.35 8.98 -23.35
C ALA A 16 0.65 7.51 -23.22
N ASP A 17 1.92 7.18 -23.35
CA ASP A 17 2.40 5.81 -23.26
C ASP A 17 2.50 5.28 -21.88
N GLU A 18 2.05 6.03 -20.90
CA GLU A 18 2.11 5.56 -19.55
C GLU A 18 0.75 5.69 -18.91
N PRO A 19 -0.14 4.90 -19.43
CA PRO A 19 -1.54 4.99 -19.00
C PRO A 19 -1.76 4.91 -17.53
N GLU A 20 -1.09 3.96 -16.87
CA GLU A 20 -1.35 3.83 -15.42
C GLU A 20 -0.98 5.10 -14.69
N PHE A 21 0.14 5.70 -15.10
CA PHE A 21 0.59 6.93 -14.45
C PHE A 21 -0.41 8.06 -14.73
N VAL A 22 -0.80 8.20 -16.00
CA VAL A 22 -1.73 9.28 -16.35
C VAL A 22 -3.03 9.25 -15.56
N GLN A 23 -3.57 8.07 -15.44
CA GLN A 23 -4.80 7.99 -14.69
C GLN A 23 -4.59 8.39 -13.25
N THR A 24 -3.48 7.94 -12.62
CA THR A 24 -3.34 8.23 -11.18
C THR A 24 -3.24 9.74 -10.95
N VAL A 25 -2.48 10.38 -11.84
CA VAL A 25 -2.28 11.81 -11.70
C VAL A 25 -3.67 12.48 -11.80
N GLU A 26 -4.46 12.04 -12.77
CA GLU A 26 -5.72 12.68 -12.93
C GLU A 26 -6.59 12.41 -11.70
N GLU A 27 -6.54 11.19 -11.28
CA GLU A 27 -7.39 10.96 -10.18
C GLU A 27 -7.00 11.81 -8.97
N VAL A 28 -5.71 11.94 -8.66
CA VAL A 28 -5.32 12.67 -7.47
C VAL A 28 -5.46 14.15 -7.71
N LEU A 29 -4.91 14.62 -8.83
CA LEU A 29 -4.95 16.07 -9.00
C LEU A 29 -6.37 16.59 -9.06
N SER A 30 -7.27 15.85 -9.66
CA SER A 30 -8.64 16.34 -9.79
C SER A 30 -9.30 16.58 -8.41
N SER A 31 -8.93 15.81 -7.43
CA SER A 31 -9.53 16.13 -6.15
C SER A 31 -9.00 17.36 -5.37
N LEU A 32 -7.93 17.97 -5.88
CA LEU A 32 -7.23 19.06 -5.20
C LEU A 32 -7.67 20.41 -5.66
N GLY A 33 -8.59 20.49 -6.62
CA GLY A 33 -9.02 21.77 -7.15
C GLY A 33 -9.25 22.82 -6.07
N PRO A 34 -10.09 22.52 -5.07
CA PRO A 34 -10.41 23.53 -4.08
C PRO A 34 -9.18 24.05 -3.39
N VAL A 35 -8.23 23.16 -3.09
CA VAL A 35 -7.02 23.58 -2.34
C VAL A 35 -6.14 24.47 -3.19
N VAL A 36 -5.95 24.04 -4.43
CA VAL A 36 -5.11 24.80 -5.36
C VAL A 36 -5.70 26.20 -5.63
N ASP A 37 -7.03 26.27 -5.76
CA ASP A 37 -7.71 27.57 -6.06
C ASP A 37 -7.54 28.52 -4.87
N ALA A 38 -7.43 27.95 -3.67
CA ALA A 38 -7.15 28.78 -2.51
C ALA A 38 -5.69 29.25 -2.36
N HIS A 39 -4.78 28.76 -3.23
CA HIS A 39 -3.35 29.07 -3.18
C HIS A 39 -2.78 29.36 -4.56
N PRO A 40 -3.03 30.56 -5.00
CA PRO A 40 -2.51 31.12 -6.25
C PRO A 40 -1.01 31.11 -6.32
N GLU A 41 -0.34 31.18 -5.18
CA GLU A 41 1.10 31.18 -5.17
C GLU A 41 1.62 29.87 -5.74
N TYR A 42 0.85 28.79 -5.59
CA TYR A 42 1.38 27.55 -6.18
C TYR A 42 1.65 27.67 -7.66
N GLU A 43 0.73 28.30 -8.38
CA GLU A 43 0.88 28.30 -9.80
C GLU A 43 2.07 29.16 -10.20
N GLU A 44 2.35 30.13 -9.38
CA GLU A 44 3.43 30.99 -9.82
C GLU A 44 4.76 30.29 -9.83
N VAL A 45 4.95 29.28 -8.96
CA VAL A 45 6.25 28.59 -8.92
C VAL A 45 6.14 27.25 -9.64
N ALA A 46 5.07 27.11 -10.42
CA ALA A 46 4.84 25.88 -11.18
C ALA A 46 4.93 24.63 -10.27
N LEU A 47 4.28 24.73 -9.14
CA LEU A 47 4.34 23.63 -8.20
C LEU A 47 3.84 22.30 -8.79
N LEU A 48 2.66 22.29 -9.40
CA LEU A 48 2.10 21.02 -9.88
C LEU A 48 2.90 20.49 -10.99
N GLU A 49 3.40 21.38 -11.86
CA GLU A 49 4.21 20.88 -12.94
C GLU A 49 5.46 20.20 -12.40
N ARG A 50 6.07 20.76 -11.37
CA ARG A 50 7.22 20.09 -10.72
C ARG A 50 6.85 18.72 -10.10
N MET A 51 5.76 18.68 -9.31
CA MET A 51 5.33 17.49 -8.63
C MET A 51 5.10 16.31 -9.49
N VAL A 52 4.67 16.51 -10.72
CA VAL A 52 4.34 15.37 -11.53
C VAL A 52 5.52 14.76 -12.20
N ILE A 53 6.70 15.35 -12.07
CA ILE A 53 7.88 14.76 -12.71
C ILE A 53 8.80 14.25 -11.58
N PRO A 54 9.17 12.99 -11.56
CA PRO A 54 9.94 12.48 -10.42
C PRO A 54 11.26 13.25 -10.31
N GLU A 55 11.75 13.41 -9.07
CA GLU A 55 13.05 14.06 -8.95
C GLU A 55 14.08 13.32 -9.77
N ARG A 56 14.11 12.00 -9.61
CA ARG A 56 15.18 11.22 -10.23
C ARG A 56 14.59 9.85 -10.56
N VAL A 57 14.95 9.32 -11.72
CA VAL A 57 14.57 7.97 -12.11
C VAL A 57 15.87 7.24 -12.45
N ILE A 58 16.02 6.01 -11.98
CA ILE A 58 17.21 5.23 -12.34
C ILE A 58 16.70 3.90 -12.92
N GLU A 59 17.22 3.51 -14.08
CA GLU A 59 16.93 2.15 -14.60
C GLU A 59 18.28 1.50 -14.81
N PHE A 60 18.38 0.19 -14.61
CA PHE A 60 19.68 -0.42 -14.86
C PHE A 60 19.56 -1.88 -15.29
N ARG A 61 20.62 -2.33 -15.93
CA ARG A 61 20.74 -3.72 -16.44
C ARG A 61 20.95 -4.65 -15.26
N VAL A 62 20.35 -5.86 -15.25
CA VAL A 62 20.63 -6.81 -14.17
C VAL A 62 20.89 -8.21 -14.77
N PRO A 63 22.14 -8.53 -15.09
CA PRO A 63 22.43 -9.88 -15.59
C PRO A 63 22.59 -10.73 -14.36
N TRP A 64 22.18 -11.97 -14.47
CA TRP A 64 22.37 -12.89 -13.37
C TRP A 64 22.38 -14.35 -13.90
N GLU A 65 22.90 -15.28 -13.11
CA GLU A 65 23.02 -16.68 -13.62
C GLU A 65 22.13 -17.65 -12.83
N ASP A 66 21.43 -18.56 -13.57
CA ASP A 66 20.53 -19.50 -12.88
C ASP A 66 21.28 -20.74 -12.36
N ASP A 67 20.53 -21.62 -11.68
CA ASP A 67 21.13 -22.82 -11.06
C ASP A 67 21.80 -23.71 -12.11
N ASN A 68 21.39 -23.59 -13.37
CA ASN A 68 21.97 -24.37 -14.47
C ASN A 68 23.08 -23.64 -15.16
N GLY A 69 23.46 -22.42 -14.73
CA GLY A 69 24.59 -21.73 -15.38
C GLY A 69 24.12 -20.90 -16.60
N LYS A 70 22.82 -20.82 -16.83
CA LYS A 70 22.37 -20.02 -17.94
C LYS A 70 22.29 -18.57 -17.46
N VAL A 71 22.69 -17.66 -18.36
CA VAL A 71 22.66 -16.23 -18.06
C VAL A 71 21.35 -15.57 -18.48
N HIS A 72 20.69 -14.91 -17.54
CA HIS A 72 19.48 -14.14 -17.79
C HIS A 72 19.70 -12.63 -17.58
N VAL A 73 18.91 -11.83 -18.26
CA VAL A 73 19.05 -10.38 -18.13
C VAL A 73 17.73 -9.73 -17.79
N ASN A 74 17.65 -8.94 -16.72
CA ASN A 74 16.42 -8.20 -16.42
C ASN A 74 16.75 -6.75 -16.23
N THR A 75 15.72 -5.98 -15.99
CA THR A 75 15.92 -4.56 -15.92
C THR A 75 15.46 -4.19 -14.51
N GLY A 76 16.22 -3.29 -13.85
CA GLY A 76 15.92 -2.79 -12.47
C GLY A 76 15.50 -1.29 -12.53
N TYR A 77 14.61 -0.88 -11.64
CA TYR A 77 14.11 0.49 -11.63
C TYR A 77 14.17 1.00 -10.20
N ARG A 78 14.34 2.31 -10.06
CA ARG A 78 14.02 2.93 -8.77
C ARG A 78 13.59 4.36 -9.19
N VAL A 79 12.36 4.73 -8.84
CA VAL A 79 11.88 6.03 -9.17
C VAL A 79 11.86 6.78 -7.85
N GLN A 80 12.71 7.81 -7.73
CA GLN A 80 12.78 8.63 -6.49
C GLN A 80 11.93 9.90 -6.79
N PHE A 81 10.68 9.75 -6.46
CA PHE A 81 9.70 10.69 -6.93
C PHE A 81 9.72 12.03 -6.14
N ASN A 82 9.69 11.99 -4.82
CA ASN A 82 9.60 13.24 -4.07
C ASN A 82 10.25 13.05 -2.70
N GLY A 83 11.19 13.89 -2.36
CA GLY A 83 11.93 13.75 -1.12
C GLY A 83 11.86 15.04 -0.32
N ALA A 84 10.77 15.80 -0.49
CA ALA A 84 10.67 17.13 0.20
C ALA A 84 10.55 16.98 1.70
N ILE A 85 9.90 15.90 2.17
CA ILE A 85 9.64 15.76 3.60
C ILE A 85 10.36 14.57 4.25
N GLY A 86 11.20 13.82 3.53
CA GLY A 86 11.92 12.75 4.21
C GLY A 86 12.74 12.05 3.16
N PRO A 87 13.55 11.07 3.58
CA PRO A 87 14.32 10.32 2.57
C PRO A 87 13.28 9.64 1.64
N TYR A 88 13.67 9.35 0.42
CA TYR A 88 12.71 8.62 -0.43
C TYR A 88 12.35 7.30 0.27
N LYS A 89 11.14 6.86 0.04
CA LYS A 89 10.72 5.67 0.75
C LYS A 89 9.69 4.97 -0.12
N GLY A 90 9.75 3.66 -0.21
CA GLY A 90 8.72 2.90 -0.98
C GLY A 90 9.21 1.49 -1.31
N GLY A 91 8.27 0.55 -1.53
CA GLY A 91 8.62 -0.87 -1.78
C GLY A 91 9.24 -1.22 -3.11
N LEU A 92 9.64 -2.51 -3.23
CA LEU A 92 10.28 -3.06 -4.42
C LEU A 92 9.32 -4.11 -4.91
N ARG A 93 9.07 -4.11 -6.20
CA ARG A 93 8.12 -5.06 -6.75
C ARG A 93 8.84 -5.90 -7.80
N PHE A 94 8.83 -7.25 -7.69
CA PHE A 94 9.51 -8.05 -8.71
C PHE A 94 8.35 -8.78 -9.44
N ALA A 95 8.05 -8.45 -10.69
CA ALA A 95 6.93 -9.09 -11.43
C ALA A 95 7.17 -8.82 -12.89
N PRO A 96 6.82 -9.78 -13.76
CA PRO A 96 7.12 -9.60 -15.16
C PRO A 96 6.39 -8.42 -15.82
N SER A 97 5.35 -7.87 -15.18
CA SER A 97 4.67 -6.74 -15.78
C SER A 97 5.30 -5.40 -15.48
N VAL A 98 6.21 -5.34 -14.53
CA VAL A 98 6.81 -4.10 -14.12
C VAL A 98 7.43 -3.30 -15.27
N ASN A 99 7.09 -2.00 -15.34
CA ASN A 99 7.76 -1.14 -16.31
C ASN A 99 7.79 0.23 -15.70
N LEU A 100 8.31 1.21 -16.44
CA LEU A 100 8.39 2.56 -15.87
C LEU A 100 7.00 3.13 -15.49
N SER A 101 6.00 2.95 -16.36
CA SER A 101 4.64 3.48 -16.07
C SER A 101 4.16 3.01 -14.73
N ILE A 102 4.23 1.70 -14.52
CA ILE A 102 3.72 1.20 -13.28
C ILE A 102 4.57 1.75 -12.05
N MET A 103 5.91 1.82 -12.22
CA MET A 103 6.74 2.36 -11.12
C MET A 103 6.36 3.81 -10.82
N LYS A 104 6.14 4.63 -11.87
CA LYS A 104 5.79 6.01 -11.58
C LYS A 104 4.44 6.10 -10.95
N PHE A 105 3.47 5.30 -11.39
CA PHE A 105 2.20 5.50 -10.72
C PHE A 105 2.24 5.10 -9.24
N LEU A 106 2.90 3.99 -8.95
CA LEU A 106 2.90 3.57 -7.55
C LEU A 106 3.78 4.56 -6.76
N GLY A 107 4.82 5.04 -7.41
CA GLY A 107 5.72 5.97 -6.71
C GLY A 107 5.05 7.33 -6.43
N PHE A 108 4.17 7.79 -7.35
CA PHE A 108 3.46 9.09 -7.12
C PHE A 108 2.49 8.92 -5.97
N GLU A 109 1.74 7.80 -5.97
CA GLU A 109 0.81 7.55 -4.89
C GLU A 109 1.61 7.40 -3.59
N GLN A 110 2.79 6.77 -3.62
CA GLN A 110 3.55 6.53 -2.37
C GLN A 110 3.90 7.81 -1.66
N ALA A 111 4.16 8.87 -2.43
CA ALA A 111 4.46 10.20 -1.83
C ALA A 111 3.34 10.70 -1.01
N PHE A 112 2.11 10.56 -1.55
CA PHE A 112 0.89 11.01 -0.81
C PHE A 112 0.62 10.14 0.40
N LYS A 113 0.83 8.83 0.26
CA LYS A 113 0.58 7.92 1.37
C LYS A 113 1.57 8.24 2.51
N ASP A 114 2.85 8.32 2.14
CA ASP A 114 3.89 8.61 3.14
C ASP A 114 3.72 9.94 3.86
N SER A 115 3.25 10.95 3.12
CA SER A 115 2.90 12.24 3.71
C SER A 115 1.80 12.14 4.79
N LEU A 116 0.83 11.26 4.59
CA LEU A 116 -0.23 11.06 5.59
C LEU A 116 0.24 10.47 6.88
N THR A 117 1.33 9.69 6.91
CA THR A 117 1.71 9.01 8.12
C THR A 117 2.07 9.92 9.24
N THR A 118 2.35 11.14 8.85
CA THR A 118 2.85 12.15 9.76
C THR A 118 4.32 11.92 10.04
N LEU A 119 4.94 10.89 9.48
CA LEU A 119 6.40 10.73 9.67
C LEU A 119 7.20 11.35 8.50
N PRO A 120 8.51 11.62 8.68
CA PRO A 120 9.33 12.21 7.59
C PRO A 120 9.73 11.14 6.61
N MET A 121 8.86 10.89 5.65
CA MET A 121 9.12 9.93 4.62
C MET A 121 8.66 10.52 3.27
N GLY A 122 9.54 10.44 2.28
CA GLY A 122 9.34 10.94 0.88
C GLY A 122 8.60 9.80 0.11
N GLY A 123 8.62 9.80 -1.20
CA GLY A 123 7.83 8.80 -1.94
C GLY A 123 8.73 8.24 -3.02
N ALA A 124 8.78 6.90 -3.15
CA ALA A 124 9.55 6.29 -4.23
C ALA A 124 8.92 4.91 -4.49
N LYS A 125 9.35 4.30 -5.59
CA LYS A 125 8.96 2.89 -5.87
C LYS A 125 10.02 2.31 -6.75
N GLY A 126 10.23 1.01 -6.67
CA GLY A 126 11.21 0.44 -7.58
C GLY A 126 10.88 -1.07 -7.78
N GLY A 127 11.76 -1.75 -8.45
CA GLY A 127 11.55 -3.16 -8.62
C GLY A 127 12.26 -3.60 -9.92
N SER A 128 11.76 -4.73 -10.49
CA SER A 128 12.33 -5.36 -11.67
C SER A 128 11.27 -6.20 -12.40
N ASP A 129 11.56 -6.47 -13.67
CA ASP A 129 10.67 -7.35 -14.42
C ASP A 129 11.06 -8.79 -14.22
N PHE A 130 12.03 -9.04 -13.35
CA PHE A 130 12.36 -10.39 -12.91
C PHE A 130 11.09 -11.06 -12.29
N ASP A 131 10.90 -12.33 -12.61
CA ASP A 131 9.74 -13.11 -12.09
C ASP A 131 10.21 -14.18 -11.11
N PRO A 132 9.95 -13.97 -9.83
CA PRO A 132 10.40 -14.93 -8.78
C PRO A 132 9.71 -16.27 -8.85
N ASN A 133 8.53 -16.35 -9.47
CA ASN A 133 7.85 -17.62 -9.68
C ASN A 133 8.70 -18.65 -10.34
N GLY A 134 8.77 -19.74 -9.63
CA GLY A 134 9.54 -20.85 -10.10
C GLY A 134 11.03 -20.71 -9.98
N LYS A 135 11.55 -19.72 -9.27
CA LYS A 135 13.02 -19.63 -9.19
C LYS A 135 13.44 -20.37 -7.92
N SER A 136 14.67 -20.88 -7.83
CA SER A 136 15.09 -21.47 -6.54
C SER A 136 15.47 -20.37 -5.59
N ASP A 137 15.58 -20.75 -4.35
CA ASP A 137 16.04 -19.83 -3.34
C ASP A 137 17.40 -19.25 -3.69
N ARG A 138 18.26 -20.13 -4.20
CA ARG A 138 19.58 -19.70 -4.60
C ARG A 138 19.49 -18.74 -5.78
N GLU A 139 18.55 -18.97 -6.69
CA GLU A 139 18.44 -18.09 -7.87
C GLU A 139 17.95 -16.70 -7.41
N VAL A 140 17.01 -16.68 -6.50
CA VAL A 140 16.49 -15.42 -6.03
C VAL A 140 17.65 -14.70 -5.30
N MET A 141 18.47 -15.45 -4.60
CA MET A 141 19.61 -14.81 -3.91
C MET A 141 20.60 -14.16 -4.92
N ARG A 142 21.01 -14.84 -5.99
CA ARG A 142 21.95 -14.26 -6.90
C ARG A 142 21.32 -13.06 -7.56
N PHE A 143 20.01 -13.09 -7.81
CA PHE A 143 19.34 -11.97 -8.50
C PHE A 143 19.41 -10.76 -7.59
N CYS A 144 19.01 -10.97 -6.36
CA CYS A 144 19.01 -9.91 -5.35
C CYS A 144 20.43 -9.28 -5.19
N GLN A 145 21.47 -10.12 -5.19
CA GLN A 145 22.83 -9.60 -5.13
C GLN A 145 23.18 -8.75 -6.37
N ALA A 146 22.87 -9.25 -7.56
CA ALA A 146 23.24 -8.50 -8.74
C ALA A 146 22.41 -7.20 -8.78
N PHE A 147 21.15 -7.23 -8.33
CA PHE A 147 20.25 -6.06 -8.33
C PHE A 147 20.82 -4.96 -7.39
N MET A 148 21.18 -5.40 -6.22
CA MET A 148 21.81 -4.49 -5.22
C MET A 148 23.23 -4.00 -5.59
N THR A 149 23.96 -4.75 -6.43
CA THR A 149 25.31 -4.36 -6.76
C THR A 149 25.33 -3.03 -7.50
N GLU A 150 24.20 -2.74 -8.12
CA GLU A 150 24.09 -1.43 -8.78
C GLU A 150 23.26 -0.53 -7.89
N LEU A 151 22.20 -1.05 -7.31
CA LEU A 151 21.30 -0.19 -6.58
C LEU A 151 21.94 0.52 -5.38
N TYR A 152 22.92 -0.12 -4.75
CA TYR A 152 23.41 0.40 -3.47
C TYR A 152 23.85 1.87 -3.61
N ARG A 153 24.39 2.23 -4.76
CA ARG A 153 24.94 3.57 -4.89
C ARG A 153 23.89 4.65 -4.94
N HIS A 154 22.61 4.29 -5.09
CA HIS A 154 21.53 5.28 -5.14
C HIS A 154 20.72 5.37 -3.86
N ILE A 155 20.97 4.51 -2.87
CA ILE A 155 20.09 4.52 -1.72
C ILE A 155 20.93 4.70 -0.47
N GLY A 156 20.31 4.69 0.70
CA GLY A 156 21.05 4.76 1.95
C GLY A 156 20.08 5.27 3.01
N PRO A 157 20.41 5.04 4.28
CA PRO A 157 19.49 5.37 5.38
C PRO A 157 19.01 6.80 5.40
N ASP A 158 19.77 7.72 4.82
CA ASP A 158 19.33 9.11 4.82
C ASP A 158 18.95 9.54 3.42
N ILE A 159 18.93 8.60 2.48
CA ILE A 159 18.68 8.97 1.09
C ILE A 159 17.41 8.32 0.55
N ASP A 160 17.38 6.98 0.61
CA ASP A 160 16.25 6.22 0.00
C ASP A 160 16.18 4.88 0.65
N VAL A 161 15.08 4.57 1.30
CA VAL A 161 14.95 3.36 2.09
C VAL A 161 13.85 2.46 1.43
N PRO A 162 14.29 1.43 0.68
CA PRO A 162 13.28 0.54 0.02
C PRO A 162 12.73 -0.44 1.02
N ALA A 163 11.85 -1.28 0.54
CA ALA A 163 11.19 -2.24 1.44
C ALA A 163 10.50 -3.20 0.48
N GLY A 164 9.75 -4.15 1.04
CA GLY A 164 9.05 -5.14 0.21
C GLY A 164 7.72 -4.68 -0.49
N ASP A 165 7.20 -5.51 -1.40
CA ASP A 165 5.95 -5.29 -2.18
C ASP A 165 5.62 -6.61 -2.87
N LEU A 166 4.86 -6.59 -3.94
CA LEU A 166 4.65 -7.85 -4.63
C LEU A 166 5.95 -8.52 -5.13
N GLY A 167 6.13 -9.77 -4.78
CA GLY A 167 7.31 -10.46 -5.25
C GLY A 167 8.53 -10.22 -4.31
N VAL A 168 8.44 -9.25 -3.35
CA VAL A 168 9.58 -8.94 -2.48
C VAL A 168 9.20 -9.05 -1.03
N GLY A 169 9.71 -10.09 -0.33
CA GLY A 169 9.38 -10.22 1.09
C GLY A 169 10.61 -10.22 1.96
N ALA A 170 10.49 -10.72 3.17
CA ALA A 170 11.60 -10.74 4.10
C ALA A 170 12.74 -11.44 3.51
N ARG A 171 12.44 -12.47 2.76
CA ARG A 171 13.56 -13.22 2.29
C ARG A 171 14.44 -12.41 1.32
N GLU A 172 13.80 -11.76 0.37
CA GLU A 172 14.54 -10.93 -0.63
C GLU A 172 15.26 -9.70 0.08
N ILE A 173 14.54 -9.09 1.03
CA ILE A 173 15.09 -7.96 1.76
C ILE A 173 16.39 -8.42 2.44
N GLY A 174 16.36 -9.64 3.03
CA GLY A 174 17.53 -10.22 3.72
C GLY A 174 18.72 -10.36 2.75
N TYR A 175 18.44 -10.91 1.56
CA TYR A 175 19.53 -11.17 0.63
C TYR A 175 20.11 -9.83 0.12
N MET A 176 19.24 -8.87 -0.18
CA MET A 176 19.72 -7.54 -0.68
C MET A 176 20.58 -6.82 0.38
N TYR A 177 20.07 -6.88 1.60
CA TYR A 177 20.77 -6.31 2.75
C TYR A 177 22.12 -7.00 2.95
N GLY A 178 22.20 -8.33 2.87
CA GLY A 178 23.50 -8.90 3.00
C GLY A 178 24.49 -8.33 1.97
N GLN A 179 24.06 -8.17 0.71
CA GLN A 179 24.94 -7.68 -0.32
C GLN A 179 25.32 -6.22 0.00
N TYR A 180 24.34 -5.46 0.44
CA TYR A 180 24.60 -4.06 0.73
C TYR A 180 25.71 -3.89 1.79
N ARG A 181 25.55 -4.55 2.91
CA ARG A 181 26.48 -4.40 4.02
C ARG A 181 27.89 -4.87 3.61
N LYS A 182 27.97 -5.86 2.75
CA LYS A 182 29.24 -6.32 2.25
C LYS A 182 29.84 -5.24 1.37
N ILE A 183 29.08 -4.70 0.43
CA ILE A 183 29.74 -3.71 -0.47
C ILE A 183 30.15 -2.44 0.31
N VAL A 184 29.24 -2.01 1.16
CA VAL A 184 29.52 -0.74 1.81
C VAL A 184 30.49 -0.84 2.97
N GLY A 185 30.68 -2.02 3.56
CA GLY A 185 31.67 -2.19 4.59
C GLY A 185 31.23 -1.70 5.96
N GLY A 186 29.92 -1.58 6.18
CA GLY A 186 29.41 -1.12 7.48
C GLY A 186 28.03 -1.71 7.73
N PHE A 187 27.38 -1.28 8.82
CA PHE A 187 26.06 -1.80 9.22
C PHE A 187 24.90 -1.06 8.49
N TYR A 188 24.61 0.16 8.89
CA TYR A 188 23.62 1.00 8.20
C TYR A 188 22.34 0.21 7.96
N ASN A 189 21.86 -0.52 8.95
CA ASN A 189 20.75 -1.40 8.65
C ASN A 189 19.44 -0.66 8.39
N GLY A 190 19.39 0.66 8.59
CA GLY A 190 18.17 1.44 8.33
C GLY A 190 18.01 1.67 6.77
N VAL A 191 18.95 1.15 6.01
CA VAL A 191 18.87 1.27 4.58
C VAL A 191 17.60 0.58 3.97
N LEU A 192 17.08 -0.45 4.62
CA LEU A 192 15.91 -1.21 4.09
C LEU A 192 15.00 -1.42 5.26
N THR A 193 13.69 -1.49 5.04
CA THR A 193 12.83 -1.88 6.13
C THR A 193 12.09 -3.22 5.75
N GLY A 194 11.39 -3.80 6.70
CA GLY A 194 10.82 -5.12 6.43
C GLY A 194 11.85 -6.20 6.75
N LYS A 195 12.90 -5.83 7.48
CA LYS A 195 13.99 -6.74 7.85
C LYS A 195 13.50 -7.78 8.87
N ALA A 196 14.22 -8.90 8.99
CA ALA A 196 13.95 -9.88 10.06
C ALA A 196 14.46 -9.22 11.40
N ARG A 197 13.93 -9.66 12.53
CA ARG A 197 14.24 -9.11 13.83
C ARG A 197 15.69 -9.24 14.12
N SER A 198 16.34 -10.33 13.72
CA SER A 198 17.72 -10.56 14.13
C SER A 198 18.65 -9.44 13.69
N PHE A 199 18.29 -8.74 12.63
CA PHE A 199 19.18 -7.65 12.22
C PHE A 199 18.45 -6.29 12.14
N GLY A 200 17.50 -6.08 13.00
CA GLY A 200 16.90 -4.79 13.16
C GLY A 200 15.48 -4.63 12.75
N GLY A 201 14.79 -5.72 12.39
CA GLY A 201 13.34 -5.56 12.02
C GLY A 201 12.52 -5.20 13.26
N SER A 202 11.36 -4.60 13.05
CA SER A 202 10.48 -4.19 14.16
C SER A 202 9.41 -5.24 14.49
N LEU A 203 9.07 -5.29 15.76
CA LEU A 203 7.96 -6.08 16.22
C LEU A 203 6.74 -5.41 15.53
N VAL A 204 5.66 -6.19 15.39
CA VAL A 204 4.35 -5.78 14.80
C VAL A 204 4.44 -5.60 13.31
N ARG A 205 5.57 -5.97 12.71
CA ARG A 205 5.75 -5.81 11.28
C ARG A 205 4.69 -6.61 10.46
N PRO A 206 4.65 -7.90 10.66
CA PRO A 206 3.66 -8.78 10.04
C PRO A 206 2.22 -8.34 10.31
N GLU A 207 1.90 -7.97 11.50
CA GLU A 207 0.55 -7.54 11.71
C GLU A 207 0.20 -6.16 11.16
N ALA A 208 1.21 -5.33 10.91
CA ALA A 208 1.02 -3.92 10.67
C ALA A 208 -0.11 -3.54 9.70
N THR A 209 -0.04 -4.01 8.47
CA THR A 209 -1.04 -3.54 7.48
C THR A 209 -2.44 -3.87 7.79
N GLY A 210 -2.61 -5.10 8.24
CA GLY A 210 -3.91 -5.58 8.62
C GLY A 210 -4.44 -4.91 9.84
N TYR A 211 -3.67 -4.85 10.91
CA TYR A 211 -4.20 -4.18 12.11
C TYR A 211 -4.50 -2.73 11.85
N GLY A 212 -3.64 -2.10 11.05
CA GLY A 212 -3.78 -0.67 10.82
C GLY A 212 -5.12 -0.46 10.15
N SER A 213 -5.44 -1.32 9.20
CA SER A 213 -6.66 -1.09 8.44
C SER A 213 -7.88 -1.18 9.37
N VAL A 214 -7.82 -2.01 10.42
CA VAL A 214 -8.93 -2.14 11.37
C VAL A 214 -9.02 -0.99 12.34
N TYR A 215 -7.88 -0.41 12.72
CA TYR A 215 -7.94 0.77 13.58
C TYR A 215 -8.62 1.97 12.81
N TYR A 216 -8.38 2.02 11.51
CA TYR A 216 -8.95 3.09 10.69
C TYR A 216 -10.48 2.93 10.63
N VAL A 217 -10.91 1.68 10.45
CA VAL A 217 -12.34 1.35 10.33
C VAL A 217 -13.00 1.65 11.65
N GLU A 218 -12.25 1.39 12.68
CA GLU A 218 -12.75 1.76 13.98
C GLU A 218 -13.01 3.28 14.08
N ALA A 219 -12.08 4.09 13.60
CA ALA A 219 -12.29 5.54 13.63
C ALA A 219 -13.52 5.90 12.71
N VAL A 220 -13.75 5.10 11.69
CA VAL A 220 -14.90 5.37 10.81
C VAL A 220 -16.21 5.12 11.65
N MET A 221 -16.23 4.01 12.38
CA MET A 221 -17.45 3.68 13.17
C MET A 221 -17.75 4.81 14.11
N LYS A 222 -16.74 5.19 14.87
CA LYS A 222 -16.90 6.27 15.77
C LYS A 222 -17.47 7.50 15.06
N HIS A 223 -16.91 7.81 13.90
CA HIS A 223 -17.42 9.00 13.19
C HIS A 223 -18.92 8.93 12.95
N GLU A 224 -19.34 7.73 12.61
CA GLU A 224 -20.66 7.43 12.24
C GLU A 224 -21.50 6.95 13.44
N ASN A 225 -21.12 7.24 14.68
CA ASN A 225 -21.94 6.74 15.83
C ASN A 225 -22.41 5.31 15.64
N ASP A 226 -21.45 4.46 15.34
CA ASP A 226 -21.74 3.07 15.06
C ASP A 226 -20.70 2.22 15.84
N THR A 227 -20.58 0.95 15.50
CA THR A 227 -19.69 0.08 16.28
C THR A 227 -19.20 -1.08 15.46
N LEU A 228 -17.99 -1.55 15.75
CA LEU A 228 -17.46 -2.68 15.03
C LEU A 228 -18.11 -3.93 15.54
N VAL A 229 -18.36 -3.92 16.85
CA VAL A 229 -18.90 -5.07 17.54
C VAL A 229 -20.14 -5.60 16.86
N GLY A 230 -20.06 -6.86 16.55
CA GLY A 230 -21.13 -7.50 15.84
C GLY A 230 -21.00 -7.41 14.34
N LYS A 231 -20.26 -6.43 13.86
CA LYS A 231 -20.16 -6.37 12.40
C LYS A 231 -19.50 -7.59 11.78
N THR A 232 -19.97 -7.91 10.58
CA THR A 232 -19.39 -8.93 9.70
C THR A 232 -18.63 -8.25 8.55
N VAL A 233 -17.64 -8.97 8.03
CA VAL A 233 -16.76 -8.40 7.06
C VAL A 233 -16.36 -9.35 5.99
N ALA A 234 -16.50 -8.89 4.77
CA ALA A 234 -16.01 -9.66 3.65
C ALA A 234 -14.55 -9.34 3.37
N LEU A 235 -13.67 -10.32 3.47
CA LEU A 235 -12.31 -10.07 3.03
C LEU A 235 -12.13 -10.74 1.76
N ALA A 236 -11.02 -10.36 1.13
CA ALA A 236 -10.44 -10.98 -0.06
C ALA A 236 -8.99 -11.46 0.30
N GLY A 237 -8.52 -12.53 -0.33
CA GLY A 237 -7.21 -13.14 -0.04
C GLY A 237 -7.27 -14.00 1.23
N PHE A 238 -6.10 -14.55 1.60
CA PHE A 238 -5.89 -15.37 2.81
C PHE A 238 -4.47 -15.06 3.25
N GLY A 239 -3.93 -14.00 2.66
CA GLY A 239 -2.58 -13.57 2.96
C GLY A 239 -2.32 -12.73 4.24
N ASN A 240 -1.20 -12.02 4.21
CA ASN A 240 -0.71 -11.24 5.33
C ASN A 240 -1.67 -10.22 5.86
N VAL A 241 -2.14 -9.41 4.91
CA VAL A 241 -3.07 -8.36 5.22
C VAL A 241 -4.35 -8.99 5.72
N ALA A 242 -4.89 -9.97 4.97
CA ALA A 242 -6.14 -10.61 5.38
C ALA A 242 -6.00 -11.21 6.78
N TRP A 243 -4.88 -11.92 6.99
CA TRP A 243 -4.58 -12.54 8.30
C TRP A 243 -4.61 -11.48 9.43
N GLY A 244 -3.85 -10.40 9.23
CA GLY A 244 -3.78 -9.34 10.22
C GLY A 244 -5.16 -8.73 10.51
N ALA A 245 -5.96 -8.49 9.45
CA ALA A 245 -7.28 -7.85 9.65
C ALA A 245 -8.27 -8.74 10.42
N ALA A 246 -8.34 -9.99 9.95
CA ALA A 246 -9.20 -10.99 10.58
C ALA A 246 -8.85 -11.05 12.03
N LYS A 247 -7.55 -11.14 12.27
CA LYS A 247 -7.13 -11.22 13.64
C LYS A 247 -7.63 -10.08 14.47
N LYS A 248 -7.36 -8.84 14.03
CA LYS A 248 -7.76 -7.70 14.85
C LYS A 248 -9.28 -7.51 14.83
N LEU A 249 -9.97 -7.82 13.71
CA LEU A 249 -11.44 -7.72 13.73
C LEU A 249 -12.05 -8.57 14.88
N ALA A 250 -11.55 -9.80 14.95
CA ALA A 250 -12.01 -10.76 15.94
C ALA A 250 -11.82 -10.24 17.36
N GLU A 251 -10.62 -9.75 17.63
CA GLU A 251 -10.28 -9.19 18.92
C GLU A 251 -11.23 -8.04 19.31
N LEU A 252 -11.72 -7.34 18.27
CA LEU A 252 -12.53 -6.14 18.47
C LEU A 252 -14.05 -6.40 18.54
N GLY A 253 -14.43 -7.64 18.35
CA GLY A 253 -15.82 -8.01 18.52
C GLY A 253 -16.45 -8.25 17.19
N ALA A 254 -15.66 -8.17 16.14
CA ALA A 254 -16.25 -8.31 14.80
C ALA A 254 -15.87 -9.63 14.29
N LYS A 255 -16.24 -9.92 13.07
CA LYS A 255 -15.77 -11.15 12.47
C LYS A 255 -15.85 -11.14 10.99
N ALA A 256 -14.78 -11.63 10.38
CA ALA A 256 -14.68 -11.76 8.93
C ALA A 256 -15.45 -13.02 8.59
N VAL A 257 -16.05 -13.10 7.39
CA VAL A 257 -16.87 -14.27 7.01
C VAL A 257 -16.54 -14.75 5.61
N THR A 258 -15.52 -14.14 5.05
CA THR A 258 -15.09 -14.63 3.78
C THR A 258 -13.62 -14.42 3.65
N LEU A 259 -13.04 -15.22 2.76
CA LEU A 259 -11.65 -15.16 2.30
C LEU A 259 -11.72 -15.45 0.82
N SER A 260 -10.62 -15.30 0.14
CA SER A 260 -10.74 -15.47 -1.25
C SER A 260 -9.40 -15.96 -1.78
N GLY A 261 -9.44 -16.63 -2.95
CA GLY A 261 -8.28 -17.22 -3.65
C GLY A 261 -8.53 -17.17 -5.16
N PRO A 262 -7.52 -17.45 -6.00
CA PRO A 262 -7.71 -17.39 -7.45
C PRO A 262 -8.67 -18.46 -7.88
N ASP A 263 -8.88 -19.40 -6.96
CA ASP A 263 -9.77 -20.52 -7.17
C ASP A 263 -11.23 -20.25 -6.79
N GLY A 264 -11.50 -19.15 -6.11
CA GLY A 264 -12.87 -18.89 -5.73
C GLY A 264 -12.95 -18.15 -4.41
N TYR A 265 -13.89 -18.53 -3.54
CA TYR A 265 -14.02 -17.84 -2.28
C TYR A 265 -14.79 -18.69 -1.35
N ILE A 266 -14.59 -18.43 -0.07
CA ILE A 266 -15.29 -19.18 0.97
C ILE A 266 -16.22 -18.32 1.84
N TYR A 267 -17.18 -18.97 2.45
CA TYR A 267 -18.05 -18.22 3.29
C TYR A 267 -18.12 -18.96 4.61
N ASP A 268 -17.93 -18.24 5.71
CA ASP A 268 -17.83 -18.85 7.03
C ASP A 268 -18.52 -18.04 8.10
N PRO A 269 -19.82 -18.16 8.03
CA PRO A 269 -20.82 -17.48 8.83
C PRO A 269 -20.49 -17.43 10.31
N GLU A 270 -19.59 -18.33 10.69
CA GLU A 270 -19.16 -18.35 12.09
C GLU A 270 -18.07 -17.31 12.31
N GLY A 271 -17.26 -17.12 11.28
CA GLY A 271 -16.19 -16.14 11.36
C GLY A 271 -14.84 -16.80 11.51
N ILE A 272 -13.90 -16.30 10.72
CA ILE A 272 -12.53 -16.74 10.79
C ILE A 272 -12.06 -16.05 12.10
N THR A 273 -12.55 -16.49 13.26
CA THR A 273 -12.28 -15.84 14.54
C THR A 273 -11.56 -16.71 15.61
N THR A 274 -11.09 -17.89 15.23
CA THR A 274 -10.41 -18.73 16.21
C THR A 274 -8.98 -18.82 15.89
N GLU A 275 -8.24 -19.12 16.95
CA GLU A 275 -6.83 -19.33 16.82
C GLU A 275 -6.64 -20.38 15.76
N GLU A 276 -7.45 -21.41 15.85
CA GLU A 276 -7.26 -22.48 14.91
C GLU A 276 -7.52 -21.98 13.47
N LYS A 277 -8.68 -21.34 13.27
CA LYS A 277 -9.05 -20.80 11.94
C LYS A 277 -8.04 -19.75 11.43
N ILE A 278 -7.83 -18.74 12.28
CA ILE A 278 -6.93 -17.65 12.00
C ILE A 278 -5.56 -18.18 11.60
N ASN A 279 -4.97 -19.01 12.45
CA ASN A 279 -3.62 -19.58 12.21
C ASN A 279 -3.53 -20.39 10.91
N TYR A 280 -4.64 -21.08 10.54
CA TYR A 280 -4.61 -21.92 9.36
C TYR A 280 -4.26 -21.14 8.06
N MET A 281 -4.62 -19.86 8.09
CA MET A 281 -4.37 -18.99 6.95
C MET A 281 -2.89 -18.99 6.72
N LEU A 282 -2.15 -19.02 7.81
CA LEU A 282 -0.71 -18.95 7.68
C LEU A 282 -0.27 -20.22 6.98
N GLU A 283 -0.94 -21.29 7.38
CA GLU A 283 -0.64 -22.57 6.83
C GLU A 283 -0.79 -22.51 5.33
N MET A 284 -2.01 -22.19 4.89
CA MET A 284 -2.34 -22.13 3.46
C MET A 284 -1.36 -21.23 2.74
N ARG A 285 -0.88 -20.23 3.47
CA ARG A 285 -0.04 -19.28 2.80
C ARG A 285 1.24 -20.05 2.53
N ALA A 286 1.72 -20.63 3.61
CA ALA A 286 2.94 -21.43 3.67
C ALA A 286 2.89 -22.41 2.50
N SER A 287 1.96 -23.36 2.68
CA SER A 287 1.67 -24.43 1.73
C SER A 287 2.07 -24.14 0.28
N GLY A 288 2.01 -22.87 -0.14
CA GLY A 288 2.36 -22.47 -1.52
C GLY A 288 1.44 -23.11 -2.59
N ARG A 289 0.30 -23.65 -2.16
CA ARG A 289 -0.70 -24.35 -2.99
C ARG A 289 -1.56 -23.35 -3.71
N ASN A 290 -1.77 -22.25 -3.01
CA ASN A 290 -2.49 -21.12 -3.54
C ASN A 290 -3.94 -21.39 -3.73
N LYS A 291 -4.57 -22.10 -2.80
CA LYS A 291 -5.99 -22.36 -2.92
C LYS A 291 -6.78 -22.13 -1.67
N VAL A 292 -7.83 -21.33 -1.80
CA VAL A 292 -8.65 -21.00 -0.66
C VAL A 292 -9.58 -22.13 -0.21
N GLN A 293 -9.81 -23.06 -1.14
CA GLN A 293 -10.61 -24.26 -0.92
C GLN A 293 -10.13 -25.01 0.34
N ASP A 294 -8.80 -25.11 0.48
CA ASP A 294 -8.14 -25.77 1.63
C ASP A 294 -8.82 -25.38 2.96
N TYR A 295 -9.24 -24.15 3.05
CA TYR A 295 -9.84 -23.70 4.27
C TYR A 295 -11.24 -24.27 4.40
N ALA A 296 -11.85 -24.40 3.23
CA ALA A 296 -13.21 -24.85 3.23
C ALA A 296 -13.16 -26.35 3.47
N ASP A 297 -12.18 -27.03 2.87
CA ASP A 297 -12.00 -28.49 3.02
C ASP A 297 -11.72 -28.72 4.51
N LYS A 298 -10.72 -27.99 5.01
CA LYS A 298 -10.37 -28.07 6.44
C LYS A 298 -11.56 -27.73 7.37
N PHE A 299 -12.21 -26.60 7.16
CA PHE A 299 -13.22 -26.26 8.13
C PHE A 299 -14.65 -26.66 7.83
N GLY A 300 -14.83 -27.13 6.58
CA GLY A 300 -16.11 -27.66 6.08
C GLY A 300 -17.17 -26.58 5.88
N VAL A 301 -16.72 -25.57 5.15
CA VAL A 301 -17.49 -24.38 4.90
C VAL A 301 -17.56 -24.26 3.39
N GLN A 302 -18.56 -23.48 2.97
CA GLN A 302 -18.78 -23.27 1.56
C GLN A 302 -17.61 -22.82 0.74
N PHE A 303 -17.54 -23.40 -0.43
CA PHE A 303 -16.52 -22.98 -1.31
C PHE A 303 -17.12 -22.80 -2.68
N PHE A 304 -17.32 -21.56 -3.05
CA PHE A 304 -17.79 -21.30 -4.39
C PHE A 304 -16.65 -21.02 -5.41
N PRO A 305 -16.23 -22.02 -6.18
CA PRO A 305 -15.16 -21.75 -7.16
C PRO A 305 -15.49 -20.69 -8.18
N GLY A 306 -14.41 -20.12 -8.68
CA GLY A 306 -14.40 -19.09 -9.71
C GLY A 306 -15.30 -17.90 -9.44
N GLU A 307 -15.51 -17.59 -8.17
CA GLU A 307 -16.38 -16.51 -7.77
C GLU A 307 -15.76 -15.56 -6.71
N LYS A 308 -16.07 -14.26 -6.83
CA LYS A 308 -15.66 -13.23 -5.85
C LYS A 308 -16.63 -13.17 -4.69
N PRO A 309 -16.17 -12.79 -3.50
CA PRO A 309 -17.09 -12.85 -2.38
C PRO A 309 -17.91 -11.57 -2.24
N TRP A 310 -17.76 -10.67 -3.24
CA TRP A 310 -18.47 -9.38 -3.28
C TRP A 310 -20.04 -9.41 -3.25
N GLY A 311 -20.57 -10.61 -3.54
CA GLY A 311 -22.02 -10.92 -3.47
C GLY A 311 -22.62 -11.19 -2.08
N GLN A 312 -21.80 -11.64 -1.14
CA GLN A 312 -22.33 -11.91 0.20
C GLN A 312 -22.79 -10.67 0.91
N LYS A 313 -23.90 -10.78 1.59
CA LYS A 313 -24.39 -9.67 2.37
C LYS A 313 -23.63 -9.56 3.71
N VAL A 314 -22.83 -8.49 3.84
CA VAL A 314 -22.07 -8.20 5.06
C VAL A 314 -22.14 -6.74 5.35
N ASP A 315 -21.67 -6.37 6.54
CA ASP A 315 -21.63 -4.98 7.00
C ASP A 315 -20.48 -4.22 6.29
N ILE A 316 -19.34 -4.89 6.07
CA ILE A 316 -18.14 -4.19 5.62
C ILE A 316 -17.42 -5.00 4.64
N ILE A 317 -17.08 -4.34 3.54
CA ILE A 317 -16.28 -4.88 2.47
C ILE A 317 -14.83 -4.35 2.54
N MET A 318 -13.87 -5.26 2.59
CA MET A 318 -12.44 -4.91 2.68
C MET A 318 -11.67 -5.76 1.70
N PRO A 319 -11.45 -5.20 0.55
CA PRO A 319 -10.70 -5.93 -0.47
C PRO A 319 -9.20 -5.85 -0.18
N CYS A 320 -8.60 -6.99 0.13
CA CYS A 320 -7.19 -7.00 0.56
C CYS A 320 -6.31 -7.89 -0.23
N ALA A 321 -6.53 -7.95 -1.53
CA ALA A 321 -5.77 -8.89 -2.33
C ALA A 321 -5.19 -8.20 -3.55
N THR A 322 -5.95 -8.13 -4.63
CA THR A 322 -5.36 -7.59 -5.83
C THR A 322 -6.07 -6.42 -6.40
N GLN A 323 -5.40 -5.88 -7.39
CA GLN A 323 -5.87 -4.74 -8.09
C GLN A 323 -7.16 -5.04 -8.78
N ASN A 324 -7.81 -3.95 -9.18
CA ASN A 324 -8.97 -4.01 -10.03
C ASN A 324 -9.75 -5.30 -9.80
N ASP A 325 -9.89 -5.63 -8.50
CA ASP A 325 -10.63 -6.81 -8.00
C ASP A 325 -12.09 -6.47 -8.12
N VAL A 326 -12.49 -5.38 -7.47
CA VAL A 326 -13.85 -4.91 -7.54
C VAL A 326 -14.09 -4.03 -8.79
N ASP A 327 -14.88 -4.56 -9.72
CA ASP A 327 -15.29 -3.82 -10.92
C ASP A 327 -16.74 -3.35 -10.82
N LEU A 328 -17.22 -2.75 -11.92
CA LEU A 328 -18.61 -2.22 -11.93
C LEU A 328 -19.62 -3.30 -11.53
N GLU A 329 -19.37 -4.46 -12.17
CA GLU A 329 -20.14 -5.67 -11.96
C GLU A 329 -20.18 -5.92 -10.46
N GLN A 330 -19.02 -5.96 -9.82
CA GLN A 330 -19.04 -6.30 -8.38
C GLN A 330 -19.57 -5.17 -7.55
N ALA A 331 -19.26 -3.93 -7.98
CA ALA A 331 -19.80 -2.81 -7.21
C ALA A 331 -21.33 -2.83 -7.16
N LYS A 332 -21.94 -3.16 -8.31
CA LYS A 332 -23.41 -3.17 -8.38
C LYS A 332 -24.01 -4.17 -7.42
N LYS A 333 -23.28 -5.28 -7.21
CA LYS A 333 -23.76 -6.27 -6.24
C LYS A 333 -23.64 -5.72 -4.87
N ILE A 334 -22.49 -5.09 -4.62
CA ILE A 334 -22.30 -4.52 -3.33
C ILE A 334 -23.46 -3.54 -3.06
N VAL A 335 -23.72 -2.68 -4.05
CA VAL A 335 -24.76 -1.65 -3.88
C VAL A 335 -26.13 -2.27 -3.54
N ALA A 336 -26.53 -3.13 -4.47
CA ALA A 336 -27.75 -3.88 -4.31
C ALA A 336 -27.88 -4.44 -2.88
N ASN A 337 -26.75 -4.88 -2.30
CA ASN A 337 -26.79 -5.42 -0.95
C ASN A 337 -26.93 -4.45 0.19
N ASN A 338 -26.96 -3.18 -0.18
CA ASN A 338 -27.10 -2.19 0.86
C ASN A 338 -25.97 -2.17 1.86
N VAL A 339 -24.78 -2.48 1.37
CA VAL A 339 -23.59 -2.33 2.21
C VAL A 339 -23.18 -0.83 2.34
N LYS A 340 -23.14 -0.32 3.56
CA LYS A 340 -22.66 1.02 3.76
C LYS A 340 -21.11 1.25 3.73
N TYR A 341 -20.34 0.30 4.26
CA TYR A 341 -18.89 0.49 4.39
C TYR A 341 -18.06 -0.19 3.36
N TYR A 342 -17.38 0.56 2.48
CA TYR A 342 -16.49 -0.02 1.46
C TYR A 342 -15.09 0.51 1.78
N ILE A 343 -14.20 -0.37 2.20
CA ILE A 343 -12.89 0.09 2.70
C ILE A 343 -11.75 -0.55 1.95
N GLU A 344 -11.14 0.19 1.07
CA GLU A 344 -10.03 -0.38 0.27
C GLU A 344 -8.84 -0.68 1.15
N VAL A 345 -8.32 -1.90 1.10
CA VAL A 345 -7.17 -2.24 1.95
C VAL A 345 -5.97 -2.53 1.09
N ALA A 346 -6.10 -3.46 0.16
CA ALA A 346 -5.06 -3.74 -0.81
C ALA A 346 -4.92 -2.48 -1.68
N ASN A 347 -3.85 -2.36 -2.47
CA ASN A 347 -3.64 -1.24 -3.40
C ASN A 347 -4.48 -1.26 -4.70
N MET A 348 -5.23 -0.20 -4.98
CA MET A 348 -6.06 -0.13 -6.18
C MET A 348 -6.85 -1.42 -6.45
N PRO A 349 -7.66 -1.81 -5.48
CA PRO A 349 -8.44 -3.04 -5.60
C PRO A 349 -9.73 -2.79 -6.38
N THR A 350 -9.97 -1.52 -6.70
CA THR A 350 -11.20 -1.08 -7.36
C THR A 350 -10.88 -0.30 -8.64
N THR A 351 -11.62 -0.56 -9.70
CA THR A 351 -11.48 0.21 -10.94
C THR A 351 -12.11 1.56 -10.75
N ASN A 352 -11.74 2.49 -11.60
CA ASN A 352 -12.38 3.74 -11.39
C ASN A 352 -13.82 3.72 -11.64
N GLU A 353 -14.24 2.99 -12.66
CA GLU A 353 -15.64 3.12 -12.96
C GLU A 353 -16.26 2.73 -11.67
N ALA A 354 -15.74 1.67 -11.08
CA ALA A 354 -16.34 1.16 -9.86
C ALA A 354 -16.32 2.17 -8.73
N LEU A 355 -15.20 2.87 -8.65
CA LEU A 355 -15.02 3.84 -7.61
C LEU A 355 -15.97 5.01 -7.64
N ARG A 356 -16.21 5.60 -8.81
CA ARG A 356 -17.12 6.76 -8.96
C ARG A 356 -18.48 6.39 -8.55
N PHE A 357 -18.84 5.24 -9.11
CA PHE A 357 -20.13 4.64 -8.81
C PHE A 357 -20.39 4.52 -7.29
N LEU A 358 -19.46 3.87 -6.59
CA LEU A 358 -19.60 3.67 -5.16
C LEU A 358 -19.68 5.02 -4.53
N MET A 359 -18.86 5.92 -5.10
CA MET A 359 -18.78 7.31 -4.61
C MET A 359 -20.02 8.15 -4.87
N GLN A 360 -20.79 7.82 -5.89
CA GLN A 360 -22.06 8.52 -6.09
C GLN A 360 -23.14 8.11 -5.10
N GLN A 361 -23.05 6.90 -4.54
CA GLN A 361 -24.00 6.40 -3.56
C GLN A 361 -23.97 7.22 -2.28
N PRO A 362 -25.07 7.89 -2.02
CA PRO A 362 -25.22 8.77 -0.88
C PRO A 362 -25.06 8.13 0.49
N ASN A 363 -25.53 6.92 0.64
CA ASN A 363 -25.46 6.37 1.97
C ASN A 363 -24.16 5.69 2.44
N MET A 364 -23.29 5.49 1.47
CA MET A 364 -22.06 4.73 1.60
C MET A 364 -20.87 5.49 2.14
N VAL A 365 -19.95 4.76 2.75
CA VAL A 365 -18.67 5.31 3.22
C VAL A 365 -17.60 4.57 2.44
N VAL A 366 -16.82 5.34 1.71
CA VAL A 366 -15.73 4.79 0.89
C VAL A 366 -14.37 5.33 1.35
N ALA A 367 -13.49 4.43 1.78
CA ALA A 367 -12.12 4.78 2.28
C ALA A 367 -11.05 4.37 1.28
N PRO A 368 -10.14 5.31 0.90
CA PRO A 368 -9.14 5.00 -0.12
C PRO A 368 -7.98 4.25 0.47
N SER A 369 -7.44 3.35 -0.35
CA SER A 369 -6.32 2.53 0.12
C SER A 369 -5.06 3.29 0.62
N LYS A 370 -4.72 4.42 -0.02
CA LYS A 370 -3.50 5.15 0.40
C LYS A 370 -3.59 5.53 1.87
N ALA A 371 -4.80 5.73 2.37
CA ALA A 371 -4.91 6.02 3.81
C ALA A 371 -5.02 4.78 4.65
N VAL A 372 -5.85 3.85 4.21
CA VAL A 372 -6.18 2.66 4.99
C VAL A 372 -5.02 1.70 5.17
N ASN A 373 -4.18 1.64 4.16
CA ASN A 373 -3.14 0.71 4.35
C ASN A 373 -1.82 1.32 4.79
N ALA A 374 -1.85 2.55 5.23
CA ALA A 374 -0.69 3.27 5.66
C ALA A 374 0.02 2.59 6.83
N GLY A 375 -0.62 1.62 7.49
CA GLY A 375 -0.06 0.98 8.69
C GLY A 375 1.28 0.26 8.49
N GLY A 376 1.41 -0.30 7.34
CA GLY A 376 2.65 -0.98 7.05
C GLY A 376 3.81 0.00 6.89
N VAL A 377 3.64 1.01 6.06
CA VAL A 377 4.74 1.98 5.85
C VAL A 377 4.98 2.74 7.19
N LEU A 378 3.93 2.85 8.00
CA LEU A 378 4.06 3.55 9.27
C LEU A 378 4.95 2.74 10.19
N VAL A 379 4.83 1.41 10.15
CA VAL A 379 5.74 0.57 10.95
C VAL A 379 7.16 0.54 10.37
N SER A 380 7.26 0.74 9.05
CA SER A 380 8.58 0.84 8.38
C SER A 380 9.27 2.14 8.94
N GLY A 381 8.49 3.18 9.10
CA GLY A 381 9.01 4.44 9.70
C GLY A 381 9.48 4.22 11.15
N PHE A 382 8.71 3.46 11.92
CA PHE A 382 9.09 3.16 13.30
C PHE A 382 10.38 2.32 13.27
N GLU A 383 10.49 1.41 12.30
CA GLU A 383 11.69 0.56 12.18
C GLU A 383 12.91 1.48 11.92
N MET A 384 12.77 2.46 11.03
CA MET A 384 13.93 3.37 10.77
C MET A 384 14.30 4.13 12.05
N SER A 385 13.27 4.51 12.82
CA SER A 385 13.54 5.22 14.13
C SER A 385 14.32 4.27 15.06
N GLN A 386 13.89 3.01 15.16
CA GLN A 386 14.54 2.09 16.04
C GLN A 386 15.93 1.84 15.59
N ASN A 387 16.12 1.75 14.27
CA ASN A 387 17.45 1.50 13.82
C ASN A 387 18.35 2.69 14.09
N SER A 388 17.81 3.88 13.99
CA SER A 388 18.63 5.08 14.21
C SER A 388 18.95 5.21 15.71
N GLU A 389 18.01 4.82 16.57
CA GLU A 389 18.26 4.84 18.02
C GLU A 389 19.13 3.68 18.47
N ARG A 390 19.32 2.70 17.58
CA ARG A 390 20.12 1.51 17.90
C ARG A 390 19.54 0.74 19.05
N LEU A 391 18.22 0.65 19.09
CA LEU A 391 17.54 -0.23 20.07
C LEU A 391 16.20 -0.76 19.52
N SER A 392 15.44 -1.52 20.31
CA SER A 392 14.11 -2.01 19.82
C SER A 392 13.07 -1.46 20.70
N TRP A 393 11.90 -1.24 20.17
CA TRP A 393 10.79 -0.79 21.03
C TRP A 393 10.07 -2.06 21.36
N THR A 394 9.21 -2.01 22.37
CA THR A 394 8.37 -3.19 22.67
C THR A 394 7.16 -3.27 21.71
N ALA A 395 6.47 -4.43 21.63
CA ALA A 395 5.31 -4.55 20.75
C ALA A 395 4.20 -3.60 21.14
N GLU A 396 4.08 -3.40 22.44
CA GLU A 396 3.02 -2.52 22.95
C GLU A 396 3.29 -1.08 22.51
N GLU A 397 4.55 -0.64 22.57
CA GLU A 397 4.90 0.72 22.13
C GLU A 397 4.52 0.88 20.64
N VAL A 398 4.94 -0.09 19.81
CA VAL A 398 4.70 0.06 18.38
C VAL A 398 3.19 0.04 18.06
N ASP A 399 2.47 -0.89 18.67
CA ASP A 399 1.03 -1.06 18.37
C ASP A 399 0.28 0.15 18.86
N SER A 400 0.68 0.69 20.02
CA SER A 400 -0.03 1.85 20.51
C SER A 400 0.20 3.07 19.63
N LYS A 401 1.38 3.26 19.09
CA LYS A 401 1.52 4.41 18.20
C LYS A 401 0.77 4.15 16.89
N LEU A 402 0.85 2.91 16.41
CA LEU A 402 0.17 2.52 15.17
C LEU A 402 -1.30 2.95 15.29
N HIS A 403 -1.88 2.53 16.39
CA HIS A 403 -3.24 2.82 16.63
C HIS A 403 -3.63 4.33 16.60
N GLN A 404 -2.89 5.13 17.33
CA GLN A 404 -3.12 6.59 17.43
C GLN A 404 -2.95 7.24 16.06
N VAL A 405 -1.91 6.87 15.33
CA VAL A 405 -1.74 7.46 13.98
C VAL A 405 -2.86 7.12 13.00
N MET A 406 -3.28 5.85 12.97
CA MET A 406 -4.33 5.48 12.04
C MET A 406 -5.60 6.24 12.36
N THR A 407 -5.86 6.43 13.64
CA THR A 407 -7.03 7.20 13.98
C THR A 407 -6.87 8.61 13.40
N ASP A 408 -5.72 9.23 13.63
CA ASP A 408 -5.49 10.58 13.13
C ASP A 408 -5.57 10.70 11.63
N ILE A 409 -5.17 9.65 10.90
CA ILE A 409 -5.22 9.70 9.42
C ILE A 409 -6.67 9.78 9.02
N HIS A 410 -7.50 9.02 9.72
CA HIS A 410 -8.91 9.10 9.41
C HIS A 410 -9.52 10.48 9.73
N ASP A 411 -9.34 10.89 10.97
CA ASP A 411 -9.90 12.16 11.48
C ASP A 411 -9.42 13.36 10.71
N GLY A 412 -8.14 13.33 10.37
CA GLY A 412 -7.55 14.41 9.62
C GLY A 412 -8.15 14.51 8.25
N SER A 413 -8.40 13.38 7.64
CA SER A 413 -8.96 13.38 6.29
C SER A 413 -10.33 13.95 6.27
N ALA A 414 -11.12 13.52 7.26
CA ALA A 414 -12.50 14.00 7.36
C ALA A 414 -12.49 15.51 7.54
N ALA A 415 -11.68 15.95 8.47
CA ALA A 415 -11.68 17.37 8.77
C ALA A 415 -11.30 18.15 7.55
N ALA A 416 -10.31 17.65 6.83
CA ALA A 416 -9.90 18.35 5.64
C ALA A 416 -11.01 18.40 4.59
N ALA A 417 -11.70 17.29 4.35
CA ALA A 417 -12.73 17.28 3.31
C ALA A 417 -13.80 18.28 3.70
N GLU A 418 -14.15 18.21 4.96
CA GLU A 418 -15.17 19.08 5.45
C GLU A 418 -14.80 20.54 5.30
N ARG A 419 -13.56 20.84 5.59
CA ARG A 419 -13.08 22.19 5.44
C ARG A 419 -13.22 22.70 4.00
N TYR A 420 -13.04 21.87 3.02
CA TYR A 420 -13.12 22.47 1.73
C TYR A 420 -14.52 22.26 1.18
N GLY A 421 -15.43 22.04 2.12
CA GLY A 421 -16.81 21.81 1.78
C GLY A 421 -17.07 20.51 1.04
N LEU A 422 -16.30 19.46 1.23
CA LEU A 422 -16.63 18.26 0.46
C LEU A 422 -17.47 17.24 1.23
N GLY A 423 -17.90 17.55 2.42
CA GLY A 423 -18.63 16.51 3.09
C GLY A 423 -17.61 15.59 3.71
N TYR A 424 -18.08 14.41 3.98
CA TYR A 424 -17.33 13.29 4.58
C TYR A 424 -16.83 12.47 3.39
N ASN A 425 -15.86 13.03 2.71
CA ASN A 425 -15.35 12.38 1.55
C ASN A 425 -13.95 11.98 1.94
N LEU A 426 -13.81 10.75 2.38
CA LEU A 426 -12.49 10.25 2.85
C LEU A 426 -11.51 10.12 1.70
N VAL A 427 -12.00 9.92 0.50
CA VAL A 427 -11.10 9.79 -0.60
C VAL A 427 -10.36 11.08 -0.94
N ALA A 428 -11.10 12.19 -1.06
CA ALA A 428 -10.47 13.48 -1.37
C ALA A 428 -9.74 13.96 -0.17
N GLY A 429 -10.26 13.62 0.99
CA GLY A 429 -9.61 14.11 2.24
C GLY A 429 -8.18 13.59 2.36
N ALA A 430 -7.98 12.33 1.96
CA ALA A 430 -6.65 11.68 2.03
C ALA A 430 -5.75 12.39 1.06
N ASN A 431 -6.26 12.64 -0.13
CA ASN A 431 -5.44 13.38 -1.06
C ASN A 431 -5.07 14.77 -0.60
N ILE A 432 -6.00 15.45 0.06
CA ILE A 432 -5.74 16.81 0.46
C ILE A 432 -4.75 16.87 1.60
N VAL A 433 -4.98 16.04 2.61
CA VAL A 433 -4.03 16.06 3.75
C VAL A 433 -2.60 15.71 3.29
N GLY A 434 -2.52 14.70 2.44
CA GLY A 434 -1.23 14.31 1.92
C GLY A 434 -0.59 15.44 1.14
N PHE A 435 -1.35 16.03 0.24
CA PHE A 435 -0.77 17.11 -0.61
C PHE A 435 -0.31 18.33 0.19
N GLN A 436 -1.05 18.70 1.22
CA GLN A 436 -0.73 19.92 1.90
C GLN A 436 0.62 19.96 2.53
N LYS A 437 1.03 18.87 3.16
CA LYS A 437 2.31 18.85 3.83
C LYS A 437 3.40 18.94 2.77
N ILE A 438 3.24 18.18 1.71
CA ILE A 438 4.23 18.21 0.67
C ILE A 438 4.31 19.59 0.07
N ALA A 439 3.17 20.20 -0.22
CA ALA A 439 3.21 21.55 -0.79
C ALA A 439 3.94 22.57 0.10
N ASP A 440 3.65 22.51 1.39
CA ASP A 440 4.20 23.42 2.35
C ASP A 440 5.72 23.29 2.27
N ALA A 441 6.18 22.05 2.28
CA ALA A 441 7.64 21.80 2.24
C ALA A 441 8.31 22.26 0.95
N MET A 442 7.69 21.98 -0.17
CA MET A 442 8.24 22.41 -1.45
C MET A 442 8.24 23.94 -1.57
N MET A 443 7.17 24.59 -1.10
CA MET A 443 7.12 26.03 -1.19
C MET A 443 8.27 26.57 -0.31
N ALA A 444 8.39 26.09 0.91
CA ALA A 444 9.50 26.55 1.80
C ALA A 444 10.88 26.28 1.22
N GLN A 445 11.06 25.15 0.49
CA GLN A 445 12.39 24.81 -0.05
C GLN A 445 12.81 25.53 -1.30
N GLY A 446 11.90 26.32 -1.85
CA GLY A 446 12.31 27.06 -3.05
C GLY A 446 12.35 26.25 -4.32
N ILE A 447 12.87 26.87 -5.35
CA ILE A 447 12.93 26.29 -6.66
C ILE A 447 14.29 25.70 -6.83
N ALA A 448 14.47 24.47 -6.41
CA ALA A 448 15.79 23.77 -6.50
C ALA A 448 15.30 22.46 -7.13
N TRP A 449 14.48 21.72 -6.40
CA TRP A 449 13.72 20.63 -7.05
C TRP A 449 12.40 21.38 -7.31
#